data_6UDX
#
_entry.id   6UDX
#
_cell.length_a   43.390
_cell.length_b   85.348
_cell.length_c   90.554
_cell.angle_alpha   90.000
_cell.angle_beta   90.000
_cell.angle_gamma   90.000
#
_symmetry.space_group_name_H-M   'P 21 21 21'
#
loop_
_entity.id
_entity.type
_entity.pdbx_description
1 polymer 'Induced myeloid leukemia cell differentiation protein Mcl-1'
2 non-polymer "(2R)-[(3S)-6'-chloro-5-(cyclobutylmethyl)-3',4,4',5-tetrahydro-2H,2'H-spiro[1,5-benzoxazepine-3,1'-naphthalen]-7-yl](hydroxy)acetic acid"
3 water water
#
_entity_poly.entity_id   1
_entity_poly.type   'polypeptide(L)'
_entity_poly.pdbx_seq_one_letter_code
;EDELYRQSLEIISRYLREQATGAKDTKPMGRSGATSRKALETLRRVGDGVQRNHETAFQGMLRKLDIKNEDDVKSLSRVM
IHVFSDGVTNWGRIVTLISFGAFVAKHLKTINQESCIEPLAESITDVLVRTKRDWLVKQRGWDGFVEFFHVEDLEGG
;
_entity_poly.pdbx_strand_id   A,B
#
loop_
_chem_comp.id
_chem_comp.type
_chem_comp.name
_chem_comp.formula
Q57 non-polymer '(2R)-[(3S)-6'-chloro-5-(cyclobutylmethyl)-3',4,4',5-tetrahydro-2H,2'H-spiro[1,5-benzoxazepine-3,1'-naphthalen]-7-yl](hydroxy)acetic acid' 'C25 H28 Cl N O4'
#
# COMPACT_ATOMS: atom_id res chain seq x y z
N GLU A 1 -17.46 10.90 26.92
CA GLU A 1 -17.38 11.99 25.92
C GLU A 1 -17.60 11.38 24.53
N ASP A 2 -16.52 11.30 23.76
CA ASP A 2 -16.56 10.72 22.43
C ASP A 2 -15.24 9.96 22.33
N GLU A 3 -15.27 8.71 22.76
CA GLU A 3 -14.07 7.89 22.77
C GLU A 3 -13.52 7.54 21.40
N LEU A 4 -14.38 7.38 20.41
CA LEU A 4 -13.91 7.06 19.07
C LEU A 4 -13.18 8.26 18.48
N TYR A 5 -13.71 9.46 18.72
CA TYR A 5 -13.07 10.67 18.20
C TYR A 5 -11.72 10.89 18.87
N ARG A 6 -11.70 10.76 20.20
CA ARG A 6 -10.49 10.96 20.97
C ARG A 6 -9.38 9.99 20.53
N GLN A 7 -9.74 8.73 20.35
CA GLN A 7 -8.76 7.72 19.96
C GLN A 7 -8.29 7.95 18.55
N SER A 8 -9.21 8.35 17.68
CA SER A 8 -8.88 8.60 16.28
C SER A 8 -7.90 9.76 16.17
N LEU A 9 -8.14 10.81 16.94
CA LEU A 9 -7.25 11.98 16.91
C LEU A 9 -5.86 11.63 17.40
N GLU A 10 -5.77 10.86 18.48
CA GLU A 10 -4.46 10.51 18.99
C GLU A 10 -3.66 9.71 17.96
N ILE A 11 -4.30 8.75 17.33
CA ILE A 11 -3.64 7.91 16.34
C ILE A 11 -3.20 8.69 15.10
N ILE A 12 -4.11 9.50 14.57
CA ILE A 12 -3.79 10.30 13.39
C ILE A 12 -2.78 11.40 13.71
N SER A 13 -2.97 12.07 14.83
CA SER A 13 -2.04 13.12 15.24
C SER A 13 -0.62 12.56 15.38
N ARG A 14 -0.49 11.45 16.08
CA ARG A 14 0.81 10.85 16.28
C ARG A 14 1.47 10.40 14.97
N TYR A 15 0.70 9.76 14.11
CA TYR A 15 1.28 9.32 12.84
C TYR A 15 1.75 10.52 12.03
N LEU A 16 0.91 11.55 11.91
CA LEU A 16 1.32 12.72 11.15
C LEU A 16 2.55 13.39 11.74
N ARG A 17 2.59 13.56 13.06
CA ARG A 17 3.74 14.19 13.68
C ARG A 17 5.02 13.38 13.50
N GLU A 18 4.92 12.07 13.67
CA GLU A 18 6.07 11.18 13.56
C GLU A 18 6.60 11.18 12.12
N GLN A 19 5.68 11.26 11.16
CA GLN A 19 6.05 11.28 9.76
C GLN A 19 6.79 12.57 9.44
N ALA A 20 6.33 13.68 10.00
CA ALA A 20 6.94 14.97 9.74
C ALA A 20 8.29 15.18 10.41
N THR A 21 8.43 14.72 11.65
CA THR A 21 9.67 14.92 12.39
C THR A 21 10.66 13.77 12.37
N GLY A 22 10.19 12.57 12.05
CA GLY A 22 11.08 11.41 12.00
C GLY A 22 11.36 10.81 13.36
N ALA A 23 10.71 11.34 14.39
CA ALA A 23 10.90 10.84 15.75
C ALA A 23 9.58 10.38 16.35
N LYS A 24 9.65 9.37 17.20
CA LYS A 24 8.46 8.82 17.85
C LYS A 24 8.14 9.62 19.11
N ASP A 25 6.87 9.72 19.45
CA ASP A 25 6.45 10.44 20.66
C ASP A 25 6.48 9.41 21.79
N THR A 26 7.36 9.59 22.77
CA THR A 26 7.48 8.63 23.87
C THR A 26 6.40 8.77 24.94
N LYS A 27 5.55 9.79 24.82
CA LYS A 27 4.48 9.98 25.79
C LYS A 27 3.51 8.79 25.73
N PRO A 28 2.96 8.40 26.89
CA PRO A 28 2.03 7.27 26.90
C PRO A 28 0.75 7.61 26.12
N MET A 29 0.05 6.58 25.67
CA MET A 29 -1.21 6.79 24.96
C MET A 29 -2.28 7.01 26.01
N GLY A 30 -3.42 7.53 25.58
CA GLY A 30 -4.51 7.74 26.51
C GLY A 30 -5.30 6.44 26.60
N ARG A 31 -6.61 6.56 26.73
CA ARG A 31 -7.48 5.40 26.82
C ARG A 31 -7.27 4.48 25.60
N SER A 32 -7.51 3.20 25.79
CA SER A 32 -7.37 2.21 24.72
C SER A 32 -5.97 2.26 24.11
N GLY A 33 -4.97 2.52 24.94
CA GLY A 33 -3.60 2.62 24.46
C GLY A 33 -3.08 1.41 23.71
N ALA A 34 -3.37 0.21 24.21
CA ALA A 34 -2.90 -1.01 23.56
C ALA A 34 -3.31 -1.01 22.10
N THR A 35 -4.59 -0.77 21.85
CA THR A 35 -5.12 -0.74 20.48
C THR A 35 -4.50 0.39 19.68
N SER A 36 -4.41 1.58 20.28
CA SER A 36 -3.81 2.71 19.57
C SER A 36 -2.35 2.40 19.18
N ARG A 37 -1.63 1.70 20.04
CA ARG A 37 -0.26 1.36 19.71
C ARG A 37 -0.21 0.43 18.51
N LYS A 38 -1.12 -0.53 18.45
CA LYS A 38 -1.15 -1.46 17.34
C LYS A 38 -1.61 -0.75 16.06
N ALA A 39 -2.49 0.25 16.22
CA ALA A 39 -2.97 1.00 15.07
C ALA A 39 -1.84 1.83 14.47
N LEU A 40 -1.02 2.43 15.34
CA LEU A 40 0.11 3.22 14.87
C LEU A 40 1.12 2.33 14.17
N GLU A 41 1.38 1.15 14.73
CA GLU A 41 2.32 0.22 14.12
C GLU A 41 1.81 -0.12 12.73
N THR A 42 0.50 -0.38 12.63
CA THR A 42 -0.12 -0.73 11.36
C THR A 42 0.06 0.38 10.32
N LEU A 43 -0.13 1.63 10.72
CA LEU A 43 0.02 2.75 9.80
C LEU A 43 1.46 2.94 9.36
N ARG A 44 2.42 2.64 10.23
CA ARG A 44 3.82 2.77 9.86
C ARG A 44 4.16 1.79 8.75
N ARG A 45 3.50 0.64 8.78
CA ARG A 45 3.72 -0.39 7.79
C ARG A 45 2.91 -0.10 6.53
N VAL A 46 1.59 0.00 6.66
CA VAL A 46 0.76 0.22 5.48
C VAL A 46 0.78 1.65 4.93
N GLY A 47 0.61 2.64 5.80
CA GLY A 47 0.63 4.02 5.34
C GLY A 47 1.89 4.37 4.57
N ASP A 48 3.03 3.97 5.11
CA ASP A 48 4.33 4.22 4.49
C ASP A 48 4.35 3.62 3.09
N GLY A 49 3.80 2.41 2.96
CA GLY A 49 3.76 1.77 1.65
C GLY A 49 2.94 2.55 0.64
N VAL A 50 1.78 3.06 1.10
CA VAL A 50 0.88 3.84 0.26
C VAL A 50 1.55 5.07 -0.34
N GLN A 51 2.27 5.81 0.50
CA GLN A 51 2.95 7.02 0.02
C GLN A 51 3.97 6.74 -1.06
N ARG A 52 4.52 5.53 -1.05
CA ARG A 52 5.51 5.16 -2.05
C ARG A 52 4.84 4.61 -3.31
N ASN A 53 3.90 3.71 -3.14
CA ASN A 53 3.19 3.13 -4.28
C ASN A 53 2.47 4.16 -5.13
N HIS A 54 2.10 5.27 -4.51
CA HIS A 54 1.37 6.31 -5.21
C HIS A 54 2.08 7.66 -5.12
N GLU A 55 3.39 7.59 -5.03
CA GLU A 55 4.24 8.78 -4.90
C GLU A 55 3.99 9.85 -5.96
N THR A 56 3.93 9.45 -7.23
CA THR A 56 3.71 10.39 -8.31
C THR A 56 2.35 11.10 -8.19
N ALA A 57 1.31 10.33 -7.90
CA ALA A 57 -0.04 10.88 -7.76
C ALA A 57 -0.08 11.82 -6.55
N PHE A 58 0.57 11.39 -5.47
CA PHE A 58 0.61 12.19 -4.25
C PHE A 58 1.35 13.50 -4.50
N GLN A 59 2.48 13.44 -5.20
CA GLN A 59 3.24 14.65 -5.49
C GLN A 59 2.41 15.58 -6.36
N GLY A 60 1.66 15.00 -7.30
CA GLY A 60 0.82 15.81 -8.18
C GLY A 60 -0.32 16.52 -7.47
N MET A 61 -1.01 15.81 -6.60
CA MET A 61 -2.12 16.41 -5.85
C MET A 61 -1.60 17.47 -4.89
N LEU A 62 -0.42 17.25 -4.31
CA LEU A 62 0.15 18.24 -3.39
C LEU A 62 0.40 19.55 -4.14
N ARG A 63 1.02 19.45 -5.31
CA ARG A 63 1.30 20.63 -6.13
C ARG A 63 0.00 21.32 -6.48
N LYS A 64 -1.04 20.52 -6.71
CA LYS A 64 -2.37 21.04 -7.07
C LYS A 64 -2.95 21.91 -5.97
N LEU A 65 -2.85 21.41 -4.75
CA LEU A 65 -3.37 22.10 -3.58
C LEU A 65 -2.59 23.37 -3.24
N ASP A 66 -1.36 23.47 -3.75
CA ASP A 66 -0.49 24.63 -3.52
C ASP A 66 -0.63 25.18 -2.09
N ILE A 67 -0.15 24.40 -1.12
CA ILE A 67 -0.23 24.77 0.29
C ILE A 67 0.96 25.62 0.74
N LYS A 68 0.67 26.85 1.14
CA LYS A 68 1.69 27.81 1.56
C LYS A 68 1.47 28.39 2.96
N ASN A 69 0.24 28.36 3.44
CA ASN A 69 -0.09 28.97 4.73
C ASN A 69 -1.28 28.33 5.44
N GLU A 70 -1.68 28.94 6.55
CA GLU A 70 -2.82 28.47 7.34
C GLU A 70 -4.13 28.46 6.57
N ASP A 71 -4.38 29.51 5.79
CA ASP A 71 -5.62 29.56 5.01
C ASP A 71 -5.67 28.35 4.07
N ASP A 72 -4.54 28.04 3.43
CA ASP A 72 -4.49 26.92 2.50
C ASP A 72 -4.76 25.60 3.25
N VAL A 73 -4.20 25.47 4.45
CA VAL A 73 -4.41 24.25 5.22
C VAL A 73 -5.89 24.11 5.58
N LYS A 74 -6.50 25.24 5.91
CA LYS A 74 -7.92 25.26 6.26
C LYS A 74 -8.77 24.85 5.07
N SER A 75 -8.30 25.16 3.87
CA SER A 75 -9.07 24.81 2.67
C SER A 75 -9.11 23.32 2.36
N LEU A 76 -8.30 22.53 3.06
CA LEU A 76 -8.25 21.11 2.82
C LEU A 76 -9.49 20.34 3.27
N SER A 77 -10.16 20.81 4.31
CA SER A 77 -11.34 20.03 4.79
C SER A 77 -12.41 19.94 3.70
N ARG A 78 -12.70 21.03 2.97
CA ARG A 78 -13.68 20.93 1.89
C ARG A 78 -13.26 19.89 0.84
N VAL A 79 -11.98 19.86 0.51
CA VAL A 79 -11.48 18.91 -0.47
C VAL A 79 -11.58 17.47 0.05
N MET A 80 -11.28 17.26 1.33
CA MET A 80 -11.36 15.92 1.90
C MET A 80 -12.81 15.42 1.89
N ILE A 81 -13.75 16.32 2.18
CA ILE A 81 -15.15 15.93 2.18
C ILE A 81 -15.59 15.56 0.76
N HIS A 82 -15.13 16.34 -0.22
CA HIS A 82 -15.47 16.14 -1.62
C HIS A 82 -14.92 14.82 -2.16
N VAL A 83 -13.65 14.54 -1.86
CA VAL A 83 -13.01 13.33 -2.37
C VAL A 83 -13.17 12.06 -1.53
N PHE A 84 -12.97 12.17 -0.22
CA PHE A 84 -13.09 11.00 0.66
C PHE A 84 -14.51 10.64 1.09
N SER A 85 -15.22 11.59 1.69
CA SER A 85 -16.57 11.31 2.18
C SER A 85 -17.56 10.92 1.10
N ASP A 86 -17.49 11.60 -0.04
CA ASP A 86 -18.39 11.34 -1.14
C ASP A 86 -17.89 10.15 -1.98
N GLY A 87 -17.80 8.99 -1.36
CA GLY A 87 -17.34 7.81 -2.03
C GLY A 87 -17.61 6.59 -1.16
N VAL A 88 -17.26 5.40 -1.67
CA VAL A 88 -17.46 4.18 -0.92
C VAL A 88 -16.50 4.22 0.27
N THR A 89 -16.83 3.50 1.34
CA THR A 89 -15.93 3.48 2.51
C THR A 89 -15.37 2.09 2.71
N ASN A 90 -14.06 2.00 2.81
CA ASN A 90 -13.40 0.74 3.08
C ASN A 90 -12.05 1.12 3.71
N TRP A 91 -11.41 0.20 4.41
CA TRP A 91 -10.16 0.56 5.07
C TRP A 91 -9.09 1.12 4.13
N GLY A 92 -9.05 0.63 2.89
CA GLY A 92 -8.08 1.13 1.94
C GLY A 92 -8.19 2.63 1.71
N ARG A 93 -9.40 3.13 1.56
CA ARG A 93 -9.60 4.57 1.31
C ARG A 93 -9.32 5.37 2.58
N ILE A 94 -9.56 4.78 3.75
CA ILE A 94 -9.29 5.49 4.99
C ILE A 94 -7.77 5.60 5.15
N VAL A 95 -7.05 4.58 4.72
CA VAL A 95 -5.60 4.62 4.84
C VAL A 95 -5.03 5.64 3.88
N THR A 96 -5.66 5.81 2.71
CA THR A 96 -5.16 6.80 1.75
C THR A 96 -5.39 8.20 2.32
N LEU A 97 -6.55 8.40 2.94
CA LEU A 97 -6.88 9.69 3.55
C LEU A 97 -5.82 10.09 4.56
N ILE A 98 -5.46 9.16 5.45
CA ILE A 98 -4.47 9.43 6.47
C ILE A 98 -3.06 9.48 5.91
N SER A 99 -2.77 8.62 4.93
CA SER A 99 -1.44 8.59 4.31
C SER A 99 -1.12 9.89 3.57
N PHE A 100 -2.11 10.44 2.87
CA PHE A 100 -1.86 11.69 2.17
C PHE A 100 -1.75 12.81 3.20
N GLY A 101 -2.43 12.64 4.33
CA GLY A 101 -2.33 13.64 5.38
C GLY A 101 -0.91 13.70 5.89
N ALA A 102 -0.29 12.53 5.98
CA ALA A 102 1.09 12.46 6.45
C ALA A 102 2.00 13.07 5.39
N PHE A 103 1.64 12.86 4.14
CA PHE A 103 2.41 13.40 3.01
C PHE A 103 2.36 14.93 3.11
N VAL A 104 1.18 15.44 3.46
CA VAL A 104 1.02 16.88 3.61
C VAL A 104 1.80 17.36 4.83
N ALA A 105 1.73 16.59 5.91
CA ALA A 105 2.44 16.93 7.14
C ALA A 105 3.94 17.13 6.88
N LYS A 106 4.52 16.25 6.07
CA LYS A 106 5.94 16.36 5.75
C LYS A 106 6.18 17.66 4.97
N HIS A 107 5.23 18.01 4.10
CA HIS A 107 5.34 19.22 3.32
C HIS A 107 5.33 20.42 4.25
N LEU A 108 4.41 20.43 5.20
CA LEU A 108 4.32 21.54 6.13
C LEU A 108 5.65 21.78 6.85
N LYS A 109 6.40 20.71 7.11
CA LYS A 109 7.71 20.88 7.78
C LYS A 109 8.70 21.51 6.83
N THR A 110 8.70 21.09 5.58
CA THR A 110 9.62 21.64 4.60
C THR A 110 9.45 23.15 4.48
N ILE A 111 8.21 23.63 4.52
CA ILE A 111 7.97 25.10 4.40
C ILE A 111 7.86 25.79 5.76
N ASN A 112 8.37 25.15 6.79
CA ASN A 112 8.35 25.70 8.14
C ASN A 112 6.98 26.23 8.58
N GLN A 113 5.98 25.36 8.51
CA GLN A 113 4.61 25.66 8.91
C GLN A 113 4.19 24.47 9.77
N GLU A 114 5.15 23.98 10.56
CA GLU A 114 4.94 22.83 11.44
C GLU A 114 3.79 22.97 12.42
N SER A 115 3.50 24.19 12.85
CA SER A 115 2.42 24.40 13.80
C SER A 115 1.04 24.12 13.20
N CYS A 116 1.01 23.85 11.89
CA CYS A 116 -0.25 23.56 11.21
C CYS A 116 -0.56 22.06 11.20
N ILE A 117 0.41 21.24 11.56
CA ILE A 117 0.24 19.79 11.56
C ILE A 117 -0.87 19.31 12.49
N GLU A 118 -0.89 19.80 13.73
CA GLU A 118 -1.92 19.39 14.66
C GLU A 118 -3.32 19.79 14.19
N PRO A 119 -3.48 21.04 13.69
CA PRO A 119 -4.80 21.45 13.21
C PRO A 119 -5.22 20.57 12.01
N LEU A 120 -4.22 20.17 11.22
CA LEU A 120 -4.48 19.32 10.05
C LEU A 120 -4.95 17.93 10.49
N ALA A 121 -4.35 17.41 11.56
CA ALA A 121 -4.73 16.10 12.05
C ALA A 121 -6.17 16.16 12.56
N GLU A 122 -6.51 17.29 13.18
CA GLU A 122 -7.85 17.48 13.72
C GLU A 122 -8.88 17.52 12.59
N SER A 123 -8.50 18.14 11.48
CA SER A 123 -9.40 18.24 10.33
C SER A 123 -9.62 16.87 9.69
N ILE A 124 -8.57 16.07 9.63
CA ILE A 124 -8.70 14.73 9.04
C ILE A 124 -9.61 13.89 9.92
N THR A 125 -9.39 14.00 11.23
CA THR A 125 -10.18 13.25 12.20
C THR A 125 -11.66 13.63 12.10
N ASP A 126 -11.94 14.93 11.96
CA ASP A 126 -13.32 15.40 11.84
C ASP A 126 -13.98 14.75 10.64
N VAL A 127 -13.29 14.80 9.52
CA VAL A 127 -13.83 14.23 8.28
C VAL A 127 -14.11 12.74 8.43
N LEU A 128 -13.11 12.01 8.93
CA LEU A 128 -13.25 10.57 9.11
C LEU A 128 -14.34 10.17 10.10
N VAL A 129 -14.24 10.65 11.32
CA VAL A 129 -15.19 10.29 12.34
C VAL A 129 -16.60 10.87 12.21
N ARG A 130 -16.70 12.14 11.85
CA ARG A 130 -18.02 12.73 11.77
C ARG A 130 -18.83 12.40 10.53
N THR A 131 -18.20 11.91 9.46
CA THR A 131 -18.95 11.55 8.26
C THR A 131 -19.05 10.05 8.05
N LYS A 132 -18.21 9.27 8.76
CA LYS A 132 -18.22 7.82 8.61
C LYS A 132 -18.38 7.03 9.91
N ARG A 133 -18.93 7.63 10.95
CA ARG A 133 -19.09 6.94 12.22
C ARG A 133 -19.87 5.62 12.15
N ASP A 134 -20.99 5.60 11.43
CA ASP A 134 -21.75 4.36 11.34
C ASP A 134 -20.91 3.20 10.85
N TRP A 135 -20.21 3.43 9.76
CA TRP A 135 -19.35 2.40 9.18
C TRP A 135 -18.25 1.98 10.15
N LEU A 136 -17.59 2.96 10.76
CA LEU A 136 -16.51 2.66 11.70
C LEU A 136 -17.00 1.81 12.87
N VAL A 137 -18.13 2.19 13.43
CA VAL A 137 -18.71 1.45 14.54
C VAL A 137 -19.03 0.02 14.10
N LYS A 138 -19.58 -0.11 12.90
CA LYS A 138 -19.95 -1.44 12.38
C LYS A 138 -18.73 -2.31 12.12
N GLN A 139 -17.62 -1.68 11.73
CA GLN A 139 -16.38 -2.40 11.43
C GLN A 139 -15.47 -2.55 12.64
N ARG A 140 -16.04 -2.34 13.83
CA ARG A 140 -15.33 -2.48 15.10
C ARG A 140 -14.21 -1.46 15.35
N GLY A 141 -14.36 -0.27 14.79
CA GLY A 141 -13.39 0.80 14.98
C GLY A 141 -11.92 0.46 14.77
N TRP A 142 -11.07 0.97 15.64
CA TRP A 142 -9.65 0.72 15.52
C TRP A 142 -9.25 -0.72 15.79
N ASP A 143 -10.03 -1.43 16.60
CA ASP A 143 -9.72 -2.84 16.84
C ASP A 143 -9.89 -3.55 15.50
N GLY A 144 -10.91 -3.15 14.75
CA GLY A 144 -11.18 -3.73 13.45
C GLY A 144 -10.09 -3.36 12.45
N PHE A 145 -9.62 -2.12 12.51
CA PHE A 145 -8.55 -1.64 11.64
C PHE A 145 -7.32 -2.55 11.84
N VAL A 146 -6.93 -2.75 13.09
CA VAL A 146 -5.78 -3.59 13.41
C VAL A 146 -5.98 -5.03 12.93
N GLU A 147 -7.16 -5.57 13.17
CA GLU A 147 -7.50 -6.92 12.75
C GLU A 147 -7.46 -7.08 11.24
N PHE A 148 -8.00 -6.09 10.53
CA PHE A 148 -8.05 -6.12 9.09
C PHE A 148 -6.68 -6.24 8.43
N PHE A 149 -5.69 -5.54 8.97
CA PHE A 149 -4.35 -5.53 8.41
C PHE A 149 -3.37 -6.51 9.08
N HIS A 150 -3.89 -7.32 10.01
CA HIS A 150 -3.05 -8.28 10.72
C HIS A 150 -2.23 -9.18 9.83
N VAL A 151 -0.95 -9.35 10.18
CA VAL A 151 -0.07 -10.21 9.39
C VAL A 151 0.28 -11.48 10.15
N GLU B 1 22.76 -15.79 -18.83
CA GLU B 1 23.21 -14.62 -19.63
C GLU B 1 22.30 -13.41 -19.41
N ASP B 2 21.16 -13.63 -18.73
CA ASP B 2 20.23 -12.53 -18.49
C ASP B 2 20.00 -12.41 -16.99
N GLU B 3 20.92 -11.70 -16.34
CA GLU B 3 20.89 -11.51 -14.90
C GLU B 3 19.57 -10.91 -14.40
N LEU B 4 19.15 -9.82 -15.02
CA LEU B 4 17.91 -9.17 -14.59
C LEU B 4 16.70 -10.09 -14.69
N TYR B 5 16.61 -10.89 -15.76
CA TYR B 5 15.48 -11.78 -15.87
C TYR B 5 15.56 -12.88 -14.81
N ARG B 6 16.74 -13.47 -14.68
CA ARG B 6 16.97 -14.53 -13.71
C ARG B 6 16.57 -14.10 -12.30
N GLN B 7 17.02 -12.92 -11.92
CA GLN B 7 16.74 -12.38 -10.61
C GLN B 7 15.26 -12.05 -10.40
N SER B 8 14.64 -11.51 -11.44
CA SER B 8 13.23 -11.15 -11.37
C SER B 8 12.37 -12.40 -11.21
N LEU B 9 12.73 -13.46 -11.93
CA LEU B 9 11.96 -14.69 -11.87
C LEU B 9 12.03 -15.31 -10.49
N GLU B 10 13.23 -15.30 -9.91
CA GLU B 10 13.40 -15.88 -8.59
C GLU B 10 12.60 -15.10 -7.54
N ILE B 11 12.70 -13.77 -7.58
CA ILE B 11 11.98 -12.94 -6.62
C ILE B 11 10.45 -13.10 -6.73
N ILE B 12 9.94 -13.04 -7.96
CA ILE B 12 8.49 -13.14 -8.17
C ILE B 12 7.98 -14.57 -7.92
N SER B 13 8.73 -15.56 -8.35
CA SER B 13 8.31 -16.96 -8.14
C SER B 13 8.25 -17.28 -6.65
N ARG B 14 9.27 -16.84 -5.91
CA ARG B 14 9.32 -17.10 -4.47
C ARG B 14 8.17 -16.42 -3.73
N TYR B 15 7.90 -15.16 -4.09
CA TYR B 15 6.82 -14.44 -3.41
C TYR B 15 5.50 -15.12 -3.69
N LEU B 16 5.22 -15.42 -4.95
CA LEU B 16 3.96 -16.08 -5.28
C LEU B 16 3.81 -17.44 -4.61
N ARG B 17 4.89 -18.20 -4.50
CA ARG B 17 4.76 -19.51 -3.88
C ARG B 17 4.54 -19.44 -2.36
N GLU B 18 5.28 -18.59 -1.67
CA GLU B 18 5.07 -18.52 -0.22
C GLU B 18 3.71 -17.91 0.08
N GLN B 19 3.29 -16.94 -0.72
CA GLN B 19 1.98 -16.34 -0.51
C GLN B 19 0.89 -17.41 -0.60
N ALA B 20 1.04 -18.35 -1.54
CA ALA B 20 0.06 -19.41 -1.72
C ALA B 20 0.15 -20.54 -0.70
N THR B 21 1.37 -20.86 -0.26
CA THR B 21 1.62 -21.94 0.70
C THR B 21 1.63 -21.49 2.16
N GLY B 22 2.19 -20.31 2.42
CA GLY B 22 2.27 -19.77 3.77
C GLY B 22 3.62 -19.95 4.43
N ALA B 23 4.58 -20.50 3.70
CA ALA B 23 5.90 -20.71 4.28
C ALA B 23 7.04 -19.98 3.58
N LYS B 24 8.03 -19.60 4.37
CA LYS B 24 9.20 -18.89 3.89
C LYS B 24 10.25 -19.92 3.43
N ASP B 25 10.79 -19.75 2.24
CA ASP B 25 11.82 -20.66 1.73
C ASP B 25 13.17 -20.19 2.27
N THR B 26 13.86 -21.07 3.00
CA THR B 26 15.15 -20.72 3.62
C THR B 26 16.40 -20.93 2.80
N LYS B 27 16.25 -21.36 1.55
CA LYS B 27 17.44 -21.56 0.72
C LYS B 27 17.99 -20.21 0.29
N PRO B 28 19.30 -20.13 0.02
CA PRO B 28 19.88 -18.86 -0.39
C PRO B 28 19.42 -18.54 -1.81
N MET B 29 19.37 -17.27 -2.15
CA MET B 29 18.96 -16.87 -3.48
C MET B 29 20.06 -17.28 -4.46
N GLY B 30 19.77 -17.20 -5.75
CA GLY B 30 20.79 -17.54 -6.72
C GLY B 30 21.84 -16.45 -6.72
N GLY B 33 22.15 -12.39 -4.83
CA GLY B 33 21.82 -12.95 -3.51
C GLY B 33 21.22 -11.94 -2.56
N ALA B 34 22.09 -11.07 -2.05
CA ALA B 34 21.70 -9.99 -1.12
C ALA B 34 20.47 -9.20 -1.55
N THR B 35 20.60 -8.60 -2.70
CA THR B 35 19.50 -7.76 -3.25
C THR B 35 18.19 -8.54 -3.39
N SER B 36 18.29 -9.77 -3.90
CA SER B 36 17.13 -10.63 -4.07
C SER B 36 16.44 -10.86 -2.73
N ARG B 37 17.20 -11.14 -1.69
CA ARG B 37 16.62 -11.38 -0.37
C ARG B 37 15.86 -10.16 0.10
N LYS B 38 16.52 -9.00 0.04
CA LYS B 38 15.89 -7.75 0.46
C LYS B 38 14.67 -7.42 -0.41
N ALA B 39 14.74 -7.77 -1.69
CA ALA B 39 13.61 -7.49 -2.60
C ALA B 39 12.40 -8.31 -2.17
N LEU B 40 12.64 -9.56 -1.79
CA LEU B 40 11.56 -10.44 -1.34
C LEU B 40 10.97 -9.93 -0.04
N GLU B 41 11.83 -9.47 0.85
CA GLU B 41 11.36 -8.95 2.13
C GLU B 41 10.53 -7.68 1.93
N THR B 42 10.91 -6.88 0.93
CA THR B 42 10.17 -5.65 0.62
C THR B 42 8.79 -6.00 0.12
N LEU B 43 8.69 -7.04 -0.70
CA LEU B 43 7.39 -7.47 -1.22
C LEU B 43 6.51 -8.03 -0.11
N ARG B 44 7.13 -8.70 0.87
CA ARG B 44 6.36 -9.26 1.98
C ARG B 44 5.75 -8.15 2.81
N ARG B 45 6.45 -7.03 2.87
CA ARG B 45 6.02 -5.88 3.63
C ARG B 45 5.01 -5.04 2.84
N VAL B 46 5.40 -4.65 1.62
CA VAL B 46 4.55 -3.82 0.78
C VAL B 46 3.44 -4.58 0.06
N GLY B 47 3.77 -5.67 -0.62
CA GLY B 47 2.77 -6.44 -1.33
C GLY B 47 1.55 -6.82 -0.50
N ASP B 48 1.79 -7.20 0.75
CA ASP B 48 0.72 -7.59 1.65
C ASP B 48 -0.25 -6.44 1.91
N GLY B 49 0.30 -5.24 2.11
CA GLY B 49 -0.54 -4.08 2.35
C GLY B 49 -1.43 -3.76 1.15
N VAL B 50 -0.88 -3.86 -0.05
CA VAL B 50 -1.63 -3.58 -1.27
C VAL B 50 -2.87 -4.46 -1.40
N GLN B 51 -2.70 -5.75 -1.17
CA GLN B 51 -3.83 -6.70 -1.27
C GLN B 51 -4.95 -6.36 -0.30
N ARG B 52 -4.61 -5.73 0.82
CA ARG B 52 -5.60 -5.34 1.81
C ARG B 52 -6.22 -3.99 1.44
N ASN B 53 -5.37 -3.02 1.13
CA ASN B 53 -5.87 -1.69 0.76
C ASN B 53 -6.77 -1.76 -0.46
N HIS B 54 -6.54 -2.75 -1.31
CA HIS B 54 -7.35 -2.88 -2.52
C HIS B 54 -8.11 -4.20 -2.58
N GLU B 55 -8.44 -4.72 -1.40
CA GLU B 55 -9.18 -5.97 -1.29
C GLU B 55 -10.41 -6.03 -2.19
N THR B 56 -11.26 -5.02 -2.10
CA THR B 56 -12.48 -5.00 -2.90
C THR B 56 -12.24 -5.12 -4.40
N ALA B 57 -11.33 -4.31 -4.92
CA ALA B 57 -11.01 -4.30 -6.35
C ALA B 57 -10.36 -5.62 -6.78
N PHE B 58 -9.48 -6.14 -5.93
CA PHE B 58 -8.79 -7.39 -6.20
C PHE B 58 -9.79 -8.53 -6.29
N GLN B 59 -10.71 -8.59 -5.33
CA GLN B 59 -11.71 -9.65 -5.34
C GLN B 59 -12.58 -9.53 -6.60
N GLY B 60 -12.95 -8.30 -6.94
CA GLY B 60 -13.78 -8.08 -8.12
C GLY B 60 -13.11 -8.49 -9.42
N MET B 61 -11.83 -8.17 -9.55
CA MET B 61 -11.09 -8.53 -10.77
C MET B 61 -10.90 -10.03 -10.88
N LEU B 62 -10.61 -10.69 -9.76
CA LEU B 62 -10.41 -12.13 -9.78
C LEU B 62 -11.70 -12.83 -10.25
N ARG B 63 -12.83 -12.37 -9.76
CA ARG B 63 -14.11 -12.94 -10.16
C ARG B 63 -14.37 -12.74 -11.64
N LYS B 64 -14.07 -11.55 -12.12
CA LYS B 64 -14.25 -11.21 -13.53
C LYS B 64 -13.44 -12.14 -14.42
N LEU B 65 -12.21 -12.42 -13.99
CA LEU B 65 -11.33 -13.29 -14.76
C LEU B 65 -11.79 -14.76 -14.79
N ASP B 66 -12.58 -15.14 -13.79
CA ASP B 66 -13.11 -16.51 -13.69
C ASP B 66 -12.07 -17.57 -14.04
N ILE B 67 -11.06 -17.70 -13.19
CA ILE B 67 -9.97 -18.64 -13.38
C ILE B 67 -10.31 -20.03 -12.84
N LYS B 68 -10.42 -20.99 -13.76
CA LYS B 68 -10.76 -22.37 -13.43
C LYS B 68 -9.69 -23.37 -13.82
N ASN B 69 -8.97 -23.08 -14.90
CA ASN B 69 -7.98 -24.03 -15.41
C ASN B 69 -6.74 -23.41 -16.02
N GLU B 70 -5.95 -24.28 -16.65
CA GLU B 70 -4.71 -23.89 -17.30
C GLU B 70 -4.93 -22.90 -18.46
N ASP B 71 -5.95 -23.14 -19.27
CA ASP B 71 -6.24 -22.24 -20.37
C ASP B 71 -6.54 -20.83 -19.85
N ASP B 72 -7.23 -20.77 -18.71
CA ASP B 72 -7.54 -19.48 -18.10
C ASP B 72 -6.27 -18.79 -17.62
N VAL B 73 -5.37 -19.56 -17.00
CA VAL B 73 -4.12 -19.01 -16.50
C VAL B 73 -3.31 -18.47 -17.69
N LYS B 74 -3.34 -19.17 -18.81
CA LYS B 74 -2.60 -18.72 -19.98
C LYS B 74 -3.21 -17.44 -20.55
N SER B 75 -4.52 -17.32 -20.45
CA SER B 75 -5.19 -16.14 -20.98
C SER B 75 -4.81 -14.86 -20.24
N LEU B 76 -4.18 -14.99 -19.06
CA LEU B 76 -3.80 -13.84 -18.25
C LEU B 76 -2.66 -12.99 -18.82
N SER B 77 -1.82 -13.57 -19.66
CA SER B 77 -0.72 -12.82 -20.24
C SER B 77 -1.23 -11.63 -21.04
N ARG B 78 -2.20 -11.88 -21.92
CA ARG B 78 -2.79 -10.84 -22.74
C ARG B 78 -3.36 -9.72 -21.88
N VAL B 79 -4.00 -10.11 -20.78
CA VAL B 79 -4.61 -9.13 -19.89
C VAL B 79 -3.54 -8.28 -19.18
N MET B 80 -2.46 -8.92 -18.74
CA MET B 80 -1.39 -8.19 -18.07
C MET B 80 -0.72 -7.19 -19.03
N ILE B 81 -0.53 -7.61 -20.28
CA ILE B 81 0.08 -6.73 -21.27
C ILE B 81 -0.84 -5.53 -21.50
N HIS B 82 -2.13 -5.80 -21.61
CA HIS B 82 -3.16 -4.77 -21.84
C HIS B 82 -3.24 -3.75 -20.71
N VAL B 83 -3.33 -4.24 -19.48
CA VAL B 83 -3.47 -3.37 -18.32
C VAL B 83 -2.15 -2.79 -17.75
N PHE B 84 -1.15 -3.63 -17.57
CA PHE B 84 0.12 -3.15 -17.02
C PHE B 84 1.08 -2.52 -18.04
N SER B 85 1.38 -3.25 -19.11
CA SER B 85 2.31 -2.76 -20.12
C SER B 85 1.85 -1.50 -20.82
N ASP B 86 0.57 -1.44 -21.16
CA ASP B 86 0.04 -0.28 -21.86
C ASP B 86 -0.35 0.79 -20.86
N GLY B 87 0.65 1.33 -20.18
CA GLY B 87 0.43 2.36 -19.18
C GLY B 87 1.74 2.92 -18.68
N VAL B 88 1.69 3.94 -17.83
CA VAL B 88 2.90 4.54 -17.32
C VAL B 88 3.58 3.59 -16.35
N THR B 89 4.91 3.65 -16.29
CA THR B 89 5.62 2.75 -15.41
C THR B 89 6.20 3.43 -14.18
N ASN B 90 5.93 2.85 -13.01
CA ASN B 90 6.48 3.34 -11.75
C ASN B 90 6.50 2.14 -10.81
N TRP B 91 7.22 2.24 -9.72
CA TRP B 91 7.30 1.10 -8.81
C TRP B 91 5.94 0.70 -8.25
N GLY B 92 5.05 1.66 -8.06
CA GLY B 92 3.74 1.35 -7.53
C GLY B 92 2.97 0.39 -8.41
N ARG B 93 2.96 0.67 -9.70
CA ARG B 93 2.23 -0.20 -10.63
C ARG B 93 2.89 -1.57 -10.77
N ILE B 94 4.20 -1.64 -10.57
CA ILE B 94 4.90 -2.92 -10.66
C ILE B 94 4.53 -3.76 -9.45
N VAL B 95 4.41 -3.10 -8.30
CA VAL B 95 4.03 -3.81 -7.08
C VAL B 95 2.60 -4.32 -7.23
N THR B 96 1.73 -3.56 -7.87
CA THR B 96 0.34 -4.00 -8.04
C THR B 96 0.32 -5.24 -8.94
N LEU B 97 1.12 -5.22 -9.99
CA LEU B 97 1.22 -6.34 -10.92
C LEU B 97 1.56 -7.62 -10.15
N ILE B 98 2.61 -7.52 -9.34
CA ILE B 98 3.11 -8.64 -8.56
C ILE B 98 2.16 -9.02 -7.43
N SER B 99 1.57 -8.02 -6.79
CA SER B 99 0.65 -8.25 -5.68
C SER B 99 -0.63 -8.95 -6.13
N PHE B 100 -1.18 -8.55 -7.27
CA PHE B 100 -2.38 -9.20 -7.75
C PHE B 100 -1.95 -10.61 -8.17
N GLY B 101 -0.70 -10.73 -8.63
CA GLY B 101 -0.18 -12.01 -9.05
C GLY B 101 -0.21 -12.99 -7.88
N ALA B 102 0.12 -12.51 -6.69
CA ALA B 102 0.13 -13.36 -5.50
C ALA B 102 -1.31 -13.67 -5.09
N PHE B 103 -2.21 -12.71 -5.31
CA PHE B 103 -3.62 -12.87 -4.99
C PHE B 103 -4.18 -14.02 -5.83
N VAL B 104 -3.79 -14.05 -7.09
CA VAL B 104 -4.22 -15.11 -8.01
C VAL B 104 -3.56 -16.43 -7.64
N ALA B 105 -2.31 -16.37 -7.17
CA ALA B 105 -1.60 -17.58 -6.78
C ALA B 105 -2.31 -18.23 -5.61
N LYS B 106 -2.77 -17.42 -4.67
CA LYS B 106 -3.49 -17.91 -3.51
C LYS B 106 -4.77 -18.60 -4.00
N HIS B 107 -5.44 -17.97 -4.97
CA HIS B 107 -6.66 -18.51 -5.54
C HIS B 107 -6.37 -19.89 -6.16
N LEU B 108 -5.29 -19.98 -6.94
CA LEU B 108 -4.92 -21.24 -7.58
C LEU B 108 -4.73 -22.37 -6.58
N LYS B 109 -4.09 -22.05 -5.46
CA LYS B 109 -3.85 -23.03 -4.42
C LYS B 109 -5.18 -23.44 -3.80
N THR B 110 -6.01 -22.44 -3.48
CA THR B 110 -7.31 -22.72 -2.87
C THR B 110 -8.17 -23.66 -3.73
N ILE B 111 -8.16 -23.47 -5.05
CA ILE B 111 -8.99 -24.31 -5.92
C ILE B 111 -8.26 -25.55 -6.40
N ASN B 112 -7.13 -25.86 -5.78
CA ASN B 112 -6.35 -27.04 -6.13
C ASN B 112 -5.74 -27.07 -7.53
N GLN B 113 -5.22 -25.93 -7.98
CA GLN B 113 -4.57 -25.83 -9.29
C GLN B 113 -3.17 -25.31 -9.02
N GLU B 114 -2.59 -25.75 -7.91
CA GLU B 114 -1.25 -25.31 -7.48
C GLU B 114 -0.13 -25.41 -8.52
N SER B 115 -0.21 -26.34 -9.45
CA SER B 115 0.86 -26.47 -10.44
C SER B 115 0.90 -25.32 -11.43
N CYS B 116 -0.16 -24.50 -11.45
CA CYS B 116 -0.23 -23.38 -12.39
C CYS B 116 0.50 -22.14 -11.84
N ILE B 117 0.93 -22.21 -10.58
CA ILE B 117 1.60 -21.09 -9.96
C ILE B 117 2.96 -20.76 -10.58
N GLU B 118 3.82 -21.76 -10.75
CA GLU B 118 5.14 -21.51 -11.32
C GLU B 118 5.00 -20.95 -12.74
N PRO B 119 4.07 -21.49 -13.56
CA PRO B 119 3.89 -20.96 -14.92
C PRO B 119 3.39 -19.51 -14.88
N LEU B 120 2.55 -19.21 -13.89
CA LEU B 120 2.01 -17.88 -13.70
C LEU B 120 3.11 -16.88 -13.36
N ALA B 121 3.99 -17.30 -12.45
CA ALA B 121 5.09 -16.44 -12.02
C ALA B 121 5.98 -16.11 -13.21
N GLU B 122 6.20 -17.11 -14.07
CA GLU B 122 7.04 -16.90 -15.25
C GLU B 122 6.40 -15.92 -16.23
N SER B 123 5.09 -16.02 -16.38
CA SER B 123 4.34 -15.14 -17.28
C SER B 123 4.41 -13.70 -16.80
N ILE B 124 4.32 -13.52 -15.48
CA ILE B 124 4.38 -12.20 -14.89
C ILE B 124 5.77 -11.63 -15.12
N THR B 125 6.78 -12.48 -14.94
CA THR B 125 8.15 -12.05 -15.13
C THR B 125 8.40 -11.67 -16.58
N ASP B 126 7.83 -12.41 -17.52
CA ASP B 126 8.04 -12.07 -18.92
C ASP B 126 7.43 -10.70 -19.20
N VAL B 127 6.21 -10.47 -18.73
CA VAL B 127 5.56 -9.18 -18.95
C VAL B 127 6.40 -8.05 -18.38
N LEU B 128 6.80 -8.19 -17.12
CA LEU B 128 7.59 -7.14 -16.48
C LEU B 128 8.94 -6.88 -17.13
N VAL B 129 9.78 -7.91 -17.24
CA VAL B 129 11.10 -7.75 -17.81
C VAL B 129 11.16 -7.52 -19.32
N ARG B 130 10.37 -8.28 -20.08
CA ARG B 130 10.41 -8.15 -21.53
C ARG B 130 9.78 -6.88 -22.07
N THR B 131 8.86 -6.26 -21.34
CA THR B 131 8.24 -5.04 -21.85
C THR B 131 8.69 -3.75 -21.18
N LYS B 132 9.41 -3.86 -20.07
CA LYS B 132 9.86 -2.66 -19.35
C LYS B 132 11.36 -2.66 -18.98
N ARG B 133 12.16 -3.43 -19.71
CA ARG B 133 13.58 -3.50 -19.39
C ARG B 133 14.27 -2.15 -19.37
N ASP B 134 14.00 -1.32 -20.36
CA ASP B 134 14.64 0.00 -20.40
C ASP B 134 14.40 0.78 -19.11
N TRP B 135 13.17 0.76 -18.63
CA TRP B 135 12.80 1.47 -17.42
C TRP B 135 13.47 0.83 -16.21
N LEU B 136 13.42 -0.49 -16.14
CA LEU B 136 14.03 -1.19 -15.03
C LEU B 136 15.53 -0.91 -14.94
N VAL B 137 16.21 -0.93 -16.07
CA VAL B 137 17.64 -0.67 -16.07
C VAL B 137 17.95 0.75 -15.60
N LYS B 138 17.23 1.72 -16.13
CA LYS B 138 17.43 3.11 -15.75
C LYS B 138 17.15 3.40 -14.28
N GLN B 139 16.19 2.67 -13.70
CA GLN B 139 15.85 2.87 -12.30
C GLN B 139 16.66 1.95 -11.38
N ARG B 140 17.75 1.40 -11.92
CA ARG B 140 18.66 0.53 -11.17
C ARG B 140 18.17 -0.87 -10.78
N GLY B 141 17.16 -1.37 -11.49
CA GLY B 141 16.67 -2.71 -11.20
C GLY B 141 16.23 -2.97 -9.77
N TRP B 142 16.42 -4.21 -9.29
CA TRP B 142 16.01 -4.54 -7.95
C TRP B 142 16.71 -3.77 -6.85
N ASP B 143 17.93 -3.29 -7.10
CA ASP B 143 18.58 -2.49 -6.07
C ASP B 143 17.80 -1.20 -5.98
N GLY B 144 17.31 -0.72 -7.12
CA GLY B 144 16.53 0.49 -7.15
C GLY B 144 15.21 0.28 -6.42
N PHE B 145 14.61 -0.88 -6.64
CA PHE B 145 13.36 -1.25 -5.99
C PHE B 145 13.52 -1.20 -4.46
N VAL B 146 14.59 -1.82 -3.97
CA VAL B 146 14.86 -1.86 -2.54
C VAL B 146 15.08 -0.47 -1.93
N GLU B 147 15.86 0.35 -2.62
CA GLU B 147 16.16 1.71 -2.19
C GLU B 147 14.89 2.56 -2.16
N PHE B 148 14.03 2.34 -3.14
CA PHE B 148 12.79 3.11 -3.24
C PHE B 148 11.88 2.89 -2.02
N PHE B 149 11.77 1.64 -1.59
CA PHE B 149 10.91 1.30 -0.45
C PHE B 149 11.62 1.15 0.90
N HIS B 150 12.91 1.48 0.95
CA HIS B 150 13.69 1.38 2.17
C HIS B 150 13.07 2.13 3.35
N VAL B 151 13.01 1.45 4.50
CA VAL B 151 12.45 2.01 5.73
C VAL B 151 13.47 2.84 6.49
C1 Q57 C . -5.80 14.14 3.32
C2 Q57 C . -5.59 15.52 3.27
C3 Q57 C . -5.98 16.29 2.19
O4 Q57 C . -9.24 6.27 -2.89
C7 Q57 C . -9.92 7.98 -4.24
C8 Q57 C . -8.67 8.50 -2.20
C9 Q57 C . -9.17 8.30 -0.90
C10 Q57 C . -9.02 9.30 0.08
C11 Q57 C . -8.81 12.74 0.38
C12 Q57 C . -6.54 12.74 -0.78
C13 Q57 C . -7.83 10.74 -1.53
C14 Q57 C . -8.36 10.51 -0.22
C15 Q57 C . -7.58 13.59 -0.09
C16 Q57 C . -8.79 7.50 -3.36
C19 Q57 C . -5.44 11.34 -3.65
C20 Q57 C . -4.92 11.58 -5.08
C21 Q57 C . -3.47 11.52 -4.53
C22 Q57 C . -8.11 14.58 -1.14
C24 Q57 C . -7.19 15.80 -1.33
N1 Q57 C . -7.08 11.88 -1.84
O1 Q57 C . -8.31 11.48 0.79
C25 Q57 C . -8.00 9.71 -2.49
C17 Q57 C . -6.64 12.18 -3.24
C18 Q57 C . -4.05 11.81 -3.12
C4 Q57 C . -6.62 15.66 1.12
C5 Q57 C . -6.86 14.25 1.12
C6 Q57 C . -6.43 13.49 2.23
CL1 Q57 C . -4.80 16.33 4.57
C23 Q57 C . -7.00 16.57 -0.01
O2 Q57 C . -11.06 7.73 -4.02
O3 Q57 C . -9.55 8.73 -5.33
C1 Q57 D . -1.26 -10.03 -12.42
C2 Q57 D . -1.94 -11.11 -12.97
C3 Q57 D . -3.09 -10.95 -13.75
O4 Q57 D . -2.17 0.56 -11.41
C7 Q57 D . -3.79 0.28 -13.09
C8 Q57 D . -2.64 -1.74 -12.17
C9 Q57 D . -1.29 -2.07 -12.42
C10 Q57 D . -0.92 -3.36 -12.77
C11 Q57 D . -2.21 -6.26 -14.31
C12 Q57 D . -3.85 -6.49 -12.40
C13 Q57 D . -3.25 -4.09 -12.59
C14 Q57 D . -1.88 -4.39 -12.87
C15 Q57 D . -3.39 -7.09 -13.70
C16 Q57 D . -3.17 -0.35 -11.83
C19 Q57 D . -5.98 -4.40 -10.94
C20 Q57 D . -7.47 -4.09 -10.67
C21 Q57 D . -7.33 -4.91 -9.36
C22 Q57 D . -4.52 -7.04 -14.75
C24 Q57 D . -5.54 -8.20 -14.75
N1 Q57 D . -4.23 -5.08 -12.53
O1 Q57 D . -1.43 -5.64 -13.29
C25 Q57 D . -3.57 -2.75 -12.26
C17 Q57 D . -5.66 -4.78 -12.40
C18 Q57 D . -6.11 -5.63 -10.00
C4 Q57 D . -3.58 -9.67 -13.99
C5 Q57 D . -2.91 -8.52 -13.42
C6 Q57 D . -1.76 -8.73 -12.64
CL1 Q57 D . -1.33 -12.69 -12.65
C23 Q57 D . -4.84 -9.58 -14.79
O2 Q57 D . -3.19 0.90 -13.90
O3 Q57 D . -5.14 0.08 -13.20
#